data_1J4R
#
_entry.id   1J4R
#
_cell.length_a   56.000
_cell.length_b   56.000
_cell.length_c   78.400
_cell.angle_alpha   90.00
_cell.angle_beta   90.00
_cell.angle_gamma   120.00
#
_symmetry.space_group_name_H-M   'P 32'
#
loop_
_entity.id
_entity.type
_entity.pdbx_description
1 polymer 'FK506-BINDING PROTEIN'
2 non-polymer '1-[2,2-DIFLUORO-2-(3,4,5-TRIMETHOXY-PHENYL)-ACETYL]-PIPERIDINE-2-CARBOXYLIC ACID 4-PHENYL-1-(3-PYRIDIN-3-YL-PROPYL)-BUTYL ESTER'
3 non-polymer GLYCEROL
4 non-polymer 'SULFATE ION'
5 water water
#
_entity_poly.entity_id   1
_entity_poly.type   'polypeptide(L)'
_entity_poly.pdbx_seq_one_letter_code
;GVQVETISPGDGRTFPKRGQTCVVHYTGMLEDGKKFDSSRDRNKPFKFMLGKQEVIRGWEEGVAQMSVGQRAKLTISPDY
AYGATGHPGIIPPHATLVFDVELLKLE
;
_entity_poly.pdbx_strand_id   A,B,D
#
# COMPACT_ATOMS: atom_id res chain seq x y z
N GLY A 1 4.31 -20.40 -15.03
CA GLY A 1 4.74 -20.67 -13.62
C GLY A 1 4.43 -19.50 -12.69
N VAL A 2 5.35 -19.20 -11.78
CA VAL A 2 5.20 -18.10 -10.85
C VAL A 2 6.45 -17.23 -10.78
N GLN A 3 6.28 -15.94 -11.00
CA GLN A 3 7.41 -15.02 -10.89
C GLN A 3 7.21 -14.24 -9.58
N VAL A 4 8.28 -14.13 -8.83
CA VAL A 4 8.25 -13.43 -7.55
C VAL A 4 9.06 -12.14 -7.69
N GLU A 5 8.38 -11.02 -7.42
CA GLU A 5 9.01 -9.71 -7.51
C GLU A 5 8.89 -9.04 -6.14
N THR A 6 10.03 -8.78 -5.51
CA THR A 6 10.06 -8.17 -4.18
C THR A 6 9.59 -6.71 -4.15
N ILE A 7 8.71 -6.40 -3.20
CA ILE A 7 8.20 -5.04 -3.04
C ILE A 7 8.99 -4.42 -1.88
N SER A 8 9.11 -5.17 -0.78
CA SER A 8 9.83 -4.76 0.40
C SER A 8 10.55 -6.00 0.89
N PRO A 9 11.81 -5.86 1.30
CA PRO A 9 12.60 -7.01 1.79
C PRO A 9 12.21 -7.66 3.13
N GLY A 10 12.42 -8.98 3.19
CA GLY A 10 12.14 -9.73 4.39
C GLY A 10 13.44 -9.79 5.17
N ASP A 11 13.58 -10.70 6.13
CA ASP A 11 14.83 -10.79 6.88
C ASP A 11 15.95 -11.51 6.13
N GLY A 12 15.58 -12.15 5.02
CA GLY A 12 16.55 -12.87 4.21
C GLY A 12 17.15 -14.14 4.79
N ARG A 13 16.60 -14.64 5.90
CA ARG A 13 17.13 -15.86 6.47
C ARG A 13 16.08 -16.83 6.98
N THR A 14 14.86 -16.34 7.18
CA THR A 14 13.78 -17.18 7.67
C THR A 14 12.74 -17.48 6.57
N PHE A 15 12.99 -18.57 5.86
CA PHE A 15 12.10 -19.02 4.79
C PHE A 15 11.25 -20.14 5.33
N PRO A 16 9.98 -20.24 4.87
CA PRO A 16 9.02 -21.25 5.29
C PRO A 16 9.51 -22.67 4.99
N LYS A 17 9.39 -23.55 5.97
CA LYS A 17 9.76 -24.95 5.83
C LYS A 17 8.47 -25.76 5.87
N ARG A 18 8.44 -26.87 5.17
CA ARG A 18 7.26 -27.71 5.18
C ARG A 18 7.02 -28.02 6.66
N GLY A 19 5.76 -27.97 7.08
CA GLY A 19 5.44 -28.24 8.47
C GLY A 19 5.23 -26.97 9.28
N GLN A 20 5.50 -25.82 8.68
CA GLN A 20 5.31 -24.54 9.37
C GLN A 20 4.09 -23.91 8.78
N THR A 21 3.45 -23.06 9.57
CA THR A 21 2.26 -22.35 9.13
C THR A 21 2.65 -20.95 8.76
N CYS A 22 2.40 -20.62 7.51
CA CYS A 22 2.70 -19.30 7.01
C CYS A 22 1.48 -18.43 7.29
N VAL A 23 1.71 -17.27 7.88
CA VAL A 23 0.63 -16.33 8.14
C VAL A 23 0.91 -15.12 7.24
N VAL A 24 -0.01 -14.83 6.33
CA VAL A 24 0.18 -13.73 5.39
C VAL A 24 -1.05 -12.88 5.20
N HIS A 25 -0.86 -11.75 4.53
CA HIS A 25 -1.94 -10.83 4.12
C HIS A 25 -1.70 -10.67 2.61
N TYR A 26 -2.77 -10.67 1.84
CA TYR A 26 -2.62 -10.52 0.40
C TYR A 26 -3.80 -9.81 -0.24
N THR A 27 -3.58 -9.40 -1.48
CA THR A 27 -4.61 -8.82 -2.31
C THR A 27 -4.41 -9.55 -3.63
N GLY A 28 -5.49 -10.13 -4.15
CA GLY A 28 -5.38 -10.86 -5.40
C GLY A 28 -6.08 -10.10 -6.51
N MET A 29 -5.38 -9.92 -7.61
CA MET A 29 -5.93 -9.20 -8.78
C MET A 29 -5.77 -9.95 -10.09
N LEU A 30 -6.77 -9.83 -10.96
CA LEU A 30 -6.73 -10.46 -12.28
C LEU A 30 -5.99 -9.55 -13.24
N GLU A 31 -5.94 -10.00 -14.49
CA GLU A 31 -5.28 -9.26 -15.58
C GLU A 31 -5.95 -7.89 -15.88
N ASP A 32 -7.29 -7.87 -15.89
CA ASP A 32 -8.07 -6.66 -16.16
C ASP A 32 -7.98 -5.62 -15.03
N GLY A 33 -7.16 -5.91 -14.02
CA GLY A 33 -6.99 -5.02 -12.88
C GLY A 33 -8.07 -5.13 -11.80
N LYS A 34 -9.00 -6.06 -11.95
CA LYS A 34 -10.04 -6.20 -10.93
C LYS A 34 -9.56 -7.07 -9.78
N LYS A 35 -9.87 -6.66 -8.56
CA LYS A 35 -9.49 -7.41 -7.37
C LYS A 35 -10.47 -8.58 -7.15
N PHE A 36 -9.96 -9.80 -7.01
CA PHE A 36 -10.83 -10.95 -6.76
C PHE A 36 -10.93 -11.33 -5.28
N ASP A 37 -9.99 -10.84 -4.48
CA ASP A 37 -9.97 -11.08 -3.04
C ASP A 37 -8.86 -10.26 -2.35
N SER A 38 -9.04 -10.07 -1.04
CA SER A 38 -8.08 -9.38 -0.18
C SER A 38 -8.31 -9.83 1.28
N SER A 39 -7.28 -10.43 1.88
CA SER A 39 -7.36 -10.87 3.26
C SER A 39 -7.43 -9.60 4.12
N ARG A 40 -6.83 -8.53 3.62
CA ARG A 40 -6.82 -7.23 4.32
C ARG A 40 -8.23 -6.65 4.39
N ASP A 41 -8.99 -6.80 3.31
CA ASP A 41 -10.37 -6.31 3.27
C ASP A 41 -11.26 -7.14 4.19
N ARG A 42 -10.97 -8.43 4.28
CA ARG A 42 -11.74 -9.31 5.15
C ARG A 42 -11.22 -9.27 6.58
N ASN A 43 -10.15 -8.50 6.79
CA ASN A 43 -9.48 -8.37 8.09
C ASN A 43 -9.25 -9.77 8.66
N LYS A 44 -8.63 -10.63 7.87
CA LYS A 44 -8.39 -11.98 8.30
C LYS A 44 -7.17 -12.52 7.61
N PRO A 45 -6.03 -12.51 8.32
CA PRO A 45 -4.75 -13.00 7.83
C PRO A 45 -4.95 -14.43 7.32
N PHE A 46 -4.33 -14.75 6.19
CA PHE A 46 -4.47 -16.08 5.61
C PHE A 46 -3.34 -16.96 6.10
N LYS A 47 -3.70 -18.13 6.61
CA LYS A 47 -2.73 -19.08 7.12
C LYS A 47 -2.80 -20.37 6.34
N PHE A 48 -1.63 -20.90 6.00
CA PHE A 48 -1.57 -22.15 5.28
C PHE A 48 -0.27 -22.89 5.61
N MET A 49 -0.29 -24.20 5.44
CA MET A 49 0.87 -25.01 5.73
C MET A 49 1.49 -25.54 4.45
N LEU A 50 2.78 -25.25 4.25
CA LEU A 50 3.45 -25.75 3.08
C LEU A 50 3.48 -27.27 3.11
N GLY A 51 3.44 -27.85 1.92
CA GLY A 51 3.49 -29.29 1.76
C GLY A 51 2.20 -30.00 2.06
N LYS A 52 1.09 -29.27 2.18
CA LYS A 52 -0.18 -29.93 2.48
C LYS A 52 -1.14 -29.80 1.33
N GLN A 53 -0.65 -29.41 0.16
CA GLN A 53 -1.51 -29.26 -1.02
C GLN A 53 -2.76 -28.40 -0.72
N GLU A 54 -2.63 -27.42 0.17
CA GLU A 54 -3.79 -26.58 0.51
C GLU A 54 -3.91 -25.25 -0.23
N VAL A 55 -2.96 -24.96 -1.12
CA VAL A 55 -2.99 -23.72 -1.92
C VAL A 55 -2.49 -24.00 -3.36
N ILE A 56 -2.80 -23.10 -4.28
CA ILE A 56 -2.40 -23.27 -5.65
C ILE A 56 -0.88 -23.42 -5.76
N ARG A 57 -0.41 -24.01 -6.87
CA ARG A 57 1.01 -24.24 -7.07
C ARG A 57 1.85 -22.96 -7.03
N GLY A 58 1.35 -21.90 -7.65
CA GLY A 58 2.04 -20.62 -7.67
C GLY A 58 2.34 -20.12 -6.26
N TRP A 59 1.42 -20.35 -5.32
CA TRP A 59 1.60 -19.94 -3.91
C TRP A 59 2.60 -20.83 -3.19
N GLU A 60 2.41 -22.13 -3.35
CA GLU A 60 3.26 -23.14 -2.75
C GLU A 60 4.72 -22.87 -3.10
N GLU A 61 4.99 -22.62 -4.37
CA GLU A 61 6.34 -22.34 -4.80
C GLU A 61 6.78 -20.86 -4.60
N GLY A 62 5.84 -19.94 -4.74
CA GLY A 62 6.15 -18.51 -4.60
C GLY A 62 6.40 -18.06 -3.19
N VAL A 63 5.47 -18.38 -2.29
CA VAL A 63 5.59 -17.98 -0.88
C VAL A 63 6.78 -18.67 -0.23
N ALA A 64 7.16 -19.82 -0.79
CA ALA A 64 8.31 -20.54 -0.28
C ALA A 64 9.60 -19.71 -0.46
N GLN A 65 9.67 -18.92 -1.53
CA GLN A 65 10.84 -18.09 -1.79
C GLN A 65 10.91 -16.81 -0.94
N MET A 66 9.90 -16.56 -0.11
CA MET A 66 9.87 -15.36 0.71
C MET A 66 10.39 -15.56 2.14
N SER A 67 11.05 -14.53 2.69
CA SER A 67 11.50 -14.60 4.08
C SER A 67 10.56 -13.73 4.91
N VAL A 68 10.47 -14.05 6.20
CA VAL A 68 9.55 -13.33 7.08
C VAL A 68 9.72 -11.81 6.99
N GLY A 69 8.59 -11.11 6.85
CA GLY A 69 8.59 -9.66 6.74
C GLY A 69 8.60 -9.20 5.29
N GLN A 70 8.87 -10.12 4.37
CA GLN A 70 8.94 -9.77 2.97
C GLN A 70 7.55 -9.50 2.38
N ARG A 71 7.54 -8.58 1.43
CA ARG A 71 6.33 -8.20 0.67
C ARG A 71 6.74 -8.39 -0.79
N ALA A 72 5.97 -9.18 -1.53
CA ALA A 72 6.32 -9.46 -2.90
C ALA A 72 5.10 -9.63 -3.79
N LYS A 73 5.30 -9.42 -5.08
CA LYS A 73 4.24 -9.57 -6.07
C LYS A 73 4.48 -10.93 -6.74
N LEU A 74 3.48 -11.80 -6.66
CA LEU A 74 3.54 -13.11 -7.29
C LEU A 74 2.66 -13.08 -8.53
N THR A 75 3.24 -13.35 -9.69
CA THR A 75 2.47 -13.39 -10.94
C THR A 75 2.40 -14.87 -11.30
N ILE A 76 1.18 -15.40 -11.30
CA ILE A 76 0.93 -16.82 -11.52
C ILE A 76 0.15 -17.16 -12.80
N SER A 77 0.75 -17.98 -13.66
CA SER A 77 0.12 -18.40 -14.91
C SER A 77 -1.04 -19.32 -14.56
N PRO A 78 -2.04 -19.44 -15.44
CA PRO A 78 -3.17 -20.31 -15.12
C PRO A 78 -2.84 -21.76 -14.80
N ASP A 79 -1.77 -22.30 -15.39
CA ASP A 79 -1.40 -23.69 -15.12
C ASP A 79 -0.87 -23.86 -13.68
N TYR A 80 -0.49 -22.76 -13.05
CA TYR A 80 -0.03 -22.76 -11.66
C TYR A 80 -1.13 -22.23 -10.73
N ALA A 81 -2.34 -22.05 -11.25
CA ALA A 81 -3.46 -21.56 -10.47
C ALA A 81 -4.72 -22.41 -10.69
N TYR A 82 -5.70 -21.85 -11.42
CA TYR A 82 -6.98 -22.53 -11.65
C TYR A 82 -7.29 -23.12 -13.04
N GLY A 83 -6.30 -23.07 -13.94
CA GLY A 83 -6.43 -23.63 -15.27
C GLY A 83 -7.60 -23.13 -16.10
N ALA A 84 -8.08 -23.98 -17.00
CA ALA A 84 -9.20 -23.63 -17.85
C ALA A 84 -10.47 -23.41 -17.04
N THR A 85 -10.63 -24.21 -15.99
CA THR A 85 -11.82 -24.15 -15.13
C THR A 85 -11.99 -22.82 -14.39
N GLY A 86 -10.91 -22.27 -13.87
CA GLY A 86 -11.02 -21.08 -13.06
C GLY A 86 -11.75 -21.55 -11.81
N HIS A 87 -12.40 -20.61 -11.12
CA HIS A 87 -13.19 -20.96 -9.97
C HIS A 87 -14.40 -20.06 -10.10
N PRO A 88 -15.42 -20.55 -10.83
CA PRO A 88 -16.65 -19.80 -11.06
C PRO A 88 -17.15 -19.11 -9.82
N GLY A 89 -17.22 -17.79 -9.93
CA GLY A 89 -17.65 -16.95 -8.84
C GLY A 89 -16.54 -16.02 -8.36
N ILE A 90 -15.29 -16.42 -8.56
CA ILE A 90 -14.18 -15.59 -8.11
C ILE A 90 -13.06 -15.45 -9.16
N ILE A 91 -12.75 -16.55 -9.84
CA ILE A 91 -11.68 -16.54 -10.83
C ILE A 91 -12.16 -17.11 -12.15
N PRO A 92 -12.00 -16.33 -13.24
CA PRO A 92 -12.43 -16.77 -14.57
C PRO A 92 -11.49 -17.80 -15.21
N PRO A 93 -11.94 -18.42 -16.32
CA PRO A 93 -11.13 -19.40 -17.06
C PRO A 93 -9.81 -18.80 -17.54
N HIS A 94 -8.77 -19.63 -17.56
CA HIS A 94 -7.43 -19.27 -18.05
C HIS A 94 -6.85 -17.97 -17.47
N ALA A 95 -7.09 -17.74 -16.19
CA ALA A 95 -6.62 -16.50 -15.57
C ALA A 95 -5.20 -16.47 -15.00
N THR A 96 -4.46 -15.44 -15.41
CA THR A 96 -3.15 -15.21 -14.87
C THR A 96 -3.44 -14.34 -13.62
N LEU A 97 -2.97 -14.78 -12.46
CA LEU A 97 -3.22 -14.08 -11.21
C LEU A 97 -2.04 -13.33 -10.66
N VAL A 98 -2.32 -12.18 -10.06
CA VAL A 98 -1.27 -11.36 -9.46
C VAL A 98 -1.62 -11.19 -8.00
N PHE A 99 -0.77 -11.70 -7.12
CA PHE A 99 -0.99 -11.55 -5.67
C PHE A 99 0.06 -10.67 -5.02
N ASP A 100 -0.39 -9.67 -4.28
CA ASP A 100 0.50 -8.81 -3.51
C ASP A 100 0.46 -9.56 -2.16
N VAL A 101 1.58 -10.15 -1.78
CA VAL A 101 1.65 -10.95 -0.55
C VAL A 101 2.65 -10.43 0.46
N GLU A 102 2.29 -10.48 1.74
CA GLU A 102 3.20 -10.08 2.81
C GLU A 102 3.28 -11.21 3.80
N LEU A 103 4.50 -11.73 3.98
CA LEU A 103 4.79 -12.83 4.90
C LEU A 103 5.01 -12.23 6.29
N LEU A 104 3.96 -12.33 7.10
CA LEU A 104 3.96 -11.76 8.44
C LEU A 104 4.79 -12.50 9.48
N LYS A 105 4.56 -13.81 9.58
CA LYS A 105 5.24 -14.61 10.56
C LYS A 105 5.02 -16.07 10.24
N LEU A 106 5.74 -16.90 10.97
CA LEU A 106 5.63 -18.35 10.83
C LEU A 106 5.11 -18.88 12.16
N GLU A 107 4.12 -19.78 12.08
CA GLU A 107 3.54 -20.36 13.29
C GLU A 107 3.73 -21.86 13.29
N GLY B 1 10.45 -1.31 23.63
CA GLY B 1 10.27 0.07 23.12
C GLY B 1 9.58 0.07 21.78
N VAL B 2 10.13 0.85 20.86
CA VAL B 2 9.59 0.94 19.52
C VAL B 2 10.71 0.72 18.51
N GLN B 3 10.50 -0.27 17.64
CA GLN B 3 11.43 -0.63 16.56
C GLN B 3 10.91 0.09 15.35
N VAL B 4 11.80 0.80 14.68
CA VAL B 4 11.45 1.56 13.50
C VAL B 4 12.11 0.89 12.31
N GLU B 5 11.29 0.48 11.36
CA GLU B 5 11.77 -0.21 10.17
C GLU B 5 11.29 0.55 8.92
N THR B 6 12.23 1.23 8.27
CA THR B 6 11.93 2.03 7.08
C THR B 6 11.43 1.23 5.87
N ILE B 7 10.30 1.66 5.32
CA ILE B 7 9.69 1.04 4.15
C ILE B 7 10.11 1.91 2.96
N SER B 8 9.92 3.23 3.09
CA SER B 8 10.30 4.17 2.04
C SER B 8 10.96 5.33 2.76
N PRO B 9 12.07 5.85 2.22
CA PRO B 9 12.83 6.97 2.79
C PRO B 9 12.18 8.36 2.72
N GLY B 10 12.40 9.15 3.76
CA GLY B 10 11.93 10.53 3.79
C GLY B 10 13.05 11.37 3.17
N ASP B 11 13.04 12.69 3.38
CA ASP B 11 14.11 13.51 2.81
C ASP B 11 15.42 13.40 3.59
N GLY B 12 15.37 12.71 4.73
CA GLY B 12 16.57 12.54 5.52
C GLY B 12 17.08 13.77 6.24
N ARG B 13 16.33 14.87 6.24
CA ARG B 13 16.77 16.06 6.94
C ARG B 13 15.73 16.89 7.64
N THR B 14 14.45 16.68 7.33
CA THR B 14 13.39 17.44 8.00
C THR B 14 12.70 16.52 9.02
N PHE B 15 13.17 16.57 10.27
CA PHE B 15 12.63 15.74 11.36
C PHE B 15 11.81 16.63 12.27
N PRO B 16 10.75 16.10 12.88
CA PRO B 16 9.88 16.89 13.77
C PRO B 16 10.63 17.61 14.91
N LYS B 17 10.28 18.89 15.08
CA LYS B 17 10.87 19.76 16.11
C LYS B 17 9.72 20.09 17.04
N ARG B 18 10.06 20.48 18.26
CA ARG B 18 9.06 20.84 19.25
C ARG B 18 8.13 21.94 18.72
N GLY B 19 6.82 21.68 18.84
CA GLY B 19 5.83 22.64 18.41
C GLY B 19 5.28 22.45 17.01
N GLN B 20 5.84 21.48 16.29
CA GLN B 20 5.36 21.22 14.93
C GLN B 20 4.30 20.16 15.00
N THR B 21 3.35 20.22 14.08
CA THR B 21 2.27 19.26 14.05
C THR B 21 2.58 18.27 12.97
N CYS B 22 2.67 17.01 13.36
CA CYS B 22 2.96 15.93 12.43
C CYS B 22 1.63 15.52 11.81
N VAL B 23 1.65 15.32 10.51
CA VAL B 23 0.44 14.86 9.82
C VAL B 23 0.86 13.50 9.24
N VAL B 24 0.18 12.46 9.70
CA VAL B 24 0.52 11.12 9.27
C VAL B 24 -0.66 10.26 8.81
N HIS B 25 -0.32 9.23 8.04
CA HIS B 25 -1.30 8.24 7.65
C HIS B 25 -0.74 6.92 8.22
N TYR B 26 -1.62 6.11 8.80
CA TYR B 26 -1.22 4.86 9.39
C TYR B 26 -2.25 3.75 9.33
N THR B 27 -1.77 2.55 9.55
CA THR B 27 -2.59 1.35 9.62
C THR B 27 -2.00 0.67 10.84
N GLY B 28 -2.87 0.31 11.78
CA GLY B 28 -2.44 -0.34 13.01
C GLY B 28 -2.86 -1.80 13.02
N MET B 29 -1.91 -2.69 13.26
CA MET B 29 -2.15 -4.13 13.31
C MET B 29 -1.63 -4.78 14.61
N LEU B 30 -2.34 -5.79 15.08
CA LEU B 30 -1.90 -6.53 16.27
C LEU B 30 -0.98 -7.60 15.71
N GLU B 31 -0.31 -8.32 16.61
CA GLU B 31 0.61 -9.41 16.22
C GLU B 31 -0.08 -10.59 15.50
N ASP B 32 -1.40 -10.69 15.63
CA ASP B 32 -2.14 -11.75 14.95
C ASP B 32 -2.56 -11.32 13.52
N GLY B 33 -2.09 -10.14 13.07
CA GLY B 33 -2.45 -9.64 11.75
C GLY B 33 -3.81 -8.97 11.68
N LYS B 34 -4.54 -8.97 12.77
CA LYS B 34 -5.84 -8.34 12.81
C LYS B 34 -5.64 -6.81 12.89
N LYS B 35 -6.34 -6.08 12.05
CA LYS B 35 -6.23 -4.63 12.02
C LYS B 35 -7.09 -4.00 13.13
N PHE B 36 -6.51 -3.11 13.92
CA PHE B 36 -7.29 -2.43 14.96
C PHE B 36 -7.69 -1.00 14.58
N ASP B 37 -6.99 -0.40 13.62
CA ASP B 37 -7.31 0.94 13.13
C ASP B 37 -6.52 1.33 11.89
N SER B 38 -7.05 2.29 11.13
CA SER B 38 -6.39 2.81 9.93
C SER B 38 -6.95 4.20 9.60
N SER B 39 -6.09 5.19 9.56
CA SER B 39 -6.51 6.55 9.24
C SER B 39 -6.80 6.60 7.73
N ARG B 40 -6.24 5.64 7.00
CA ARG B 40 -6.46 5.55 5.56
C ARG B 40 -7.89 5.03 5.33
N ASP B 41 -8.28 4.00 6.09
CA ASP B 41 -9.63 3.45 5.99
C ASP B 41 -10.64 4.49 6.45
N ARG B 42 -10.29 5.21 7.50
CA ARG B 42 -11.14 6.26 8.04
C ARG B 42 -11.07 7.54 7.21
N ASN B 43 -10.13 7.59 6.26
CA ASN B 43 -9.90 8.75 5.41
C ASN B 43 -9.71 10.05 6.22
N LYS B 44 -8.87 9.97 7.24
CA LYS B 44 -8.59 11.13 8.05
C LYS B 44 -7.18 11.07 8.54
N PRO B 45 -6.27 11.83 7.89
CA PRO B 45 -4.85 11.89 8.27
C PRO B 45 -4.79 12.24 9.76
N PHE B 46 -3.88 11.58 10.49
CA PHE B 46 -3.78 11.82 11.93
C PHE B 46 -2.77 12.91 12.23
N LYS B 47 -3.21 13.92 12.98
CA LYS B 47 -2.34 15.02 13.38
C LYS B 47 -2.07 15.05 14.87
N PHE B 48 -0.81 15.27 15.22
CA PHE B 48 -0.45 15.35 16.61
C PHE B 48 0.78 16.21 16.72
N MET B 49 0.92 16.88 17.86
CA MET B 49 2.04 17.77 18.12
C MET B 49 3.04 17.11 19.03
N LEU B 50 4.28 17.08 18.56
CA LEU B 50 5.39 16.51 19.28
C LEU B 50 5.62 17.28 20.57
N GLY B 51 5.84 16.53 21.64
CA GLY B 51 6.11 17.14 22.93
C GLY B 51 4.94 17.39 23.86
N LYS B 52 3.71 17.19 23.41
CA LYS B 52 2.59 17.43 24.30
C LYS B 52 2.16 16.13 25.00
N GLN B 53 2.87 15.04 24.70
CA GLN B 53 2.58 13.72 25.28
C GLN B 53 1.12 13.34 25.03
N GLU B 54 0.61 13.69 23.86
CA GLU B 54 -0.78 13.38 23.52
C GLU B 54 -0.95 12.04 22.79
N VAL B 55 0.14 11.29 22.63
CA VAL B 55 0.08 9.97 21.97
C VAL B 55 0.92 8.95 22.73
N ILE B 56 0.74 7.66 22.44
CA ILE B 56 1.52 6.62 23.12
C ILE B 56 3.03 6.87 22.93
N ARG B 57 3.81 6.46 23.92
CA ARG B 57 5.26 6.64 23.93
C ARG B 57 5.98 6.15 22.66
N GLY B 58 5.51 5.02 22.13
CA GLY B 58 6.08 4.46 20.91
C GLY B 58 5.95 5.38 19.71
N TRP B 59 4.84 6.10 19.62
CA TRP B 59 4.62 7.06 18.53
C TRP B 59 5.45 8.32 18.81
N GLU B 60 5.44 8.75 20.06
CA GLU B 60 6.18 9.92 20.47
C GLU B 60 7.62 9.74 20.03
N GLU B 61 8.17 8.57 20.35
CA GLU B 61 9.55 8.21 20.02
C GLU B 61 9.82 7.75 18.58
N GLY B 62 8.91 6.96 18.01
CA GLY B 62 9.06 6.46 16.66
C GLY B 62 8.92 7.50 15.55
N VAL B 63 7.83 8.27 15.58
CA VAL B 63 7.62 9.30 14.56
C VAL B 63 8.70 10.42 14.64
N ALA B 64 9.23 10.62 15.84
CA ALA B 64 10.27 11.63 16.05
C ALA B 64 11.56 11.31 15.29
N GLN B 65 11.78 10.03 14.99
CA GLN B 65 12.98 9.60 14.26
C GLN B 65 12.77 9.64 12.76
N MET B 66 11.57 9.96 12.32
CA MET B 66 11.26 10.00 10.90
C MET B 66 11.36 11.38 10.25
N SER B 67 11.72 11.39 8.96
CA SER B 67 11.81 12.64 8.19
C SER B 67 10.59 12.73 7.25
N VAL B 68 10.20 13.95 6.91
CA VAL B 68 9.05 14.16 6.04
C VAL B 68 9.11 13.27 4.78
N GLY B 69 8.02 12.55 4.53
CA GLY B 69 7.93 11.66 3.37
C GLY B 69 8.29 10.22 3.63
N GLN B 70 8.87 9.96 4.80
CA GLN B 70 9.27 8.62 5.17
C GLN B 70 8.09 7.72 5.52
N ARG B 71 8.21 6.44 5.17
CA ARG B 71 7.19 5.44 5.46
C ARG B 71 7.96 4.35 6.20
N ALA B 72 7.45 3.97 7.34
CA ALA B 72 8.14 2.97 8.13
C ALA B 72 7.17 2.16 8.95
N LYS B 73 7.68 1.04 9.42
CA LYS B 73 6.93 0.15 10.29
C LYS B 73 7.44 0.34 11.73
N LEU B 74 6.53 0.76 12.60
CA LEU B 74 6.80 0.97 14.01
C LEU B 74 6.25 -0.21 14.76
N THR B 75 7.12 -0.97 15.42
CA THR B 75 6.70 -2.12 16.22
C THR B 75 6.86 -1.72 17.68
N ILE B 76 5.73 -1.54 18.36
CA ILE B 76 5.72 -1.06 19.75
C ILE B 76 5.38 -2.07 20.84
N SER B 77 6.27 -2.25 21.81
CA SER B 77 6.01 -3.18 22.92
C SER B 77 4.88 -2.58 23.76
N PRO B 78 4.18 -3.43 24.54
CA PRO B 78 3.06 -2.91 25.37
C PRO B 78 3.40 -1.82 26.38
N ASP B 79 4.63 -1.80 26.89
CA ASP B 79 5.01 -0.76 27.85
C ASP B 79 5.17 0.63 27.19
N TYR B 80 5.23 0.66 25.86
CA TYR B 80 5.32 1.89 25.09
C TYR B 80 3.97 2.14 24.42
N ALA B 81 2.95 1.43 24.89
CA ALA B 81 1.63 1.55 24.32
C ALA B 81 0.54 1.58 25.40
N TYR B 82 -0.25 0.51 25.51
CA TYR B 82 -1.35 0.46 26.46
C TYR B 82 -1.12 -0.43 27.67
N GLY B 83 0.11 -0.95 27.79
CA GLY B 83 0.48 -1.78 28.94
C GLY B 83 -0.28 -3.04 29.30
N ALA B 84 -0.30 -3.35 30.59
CA ALA B 84 -0.93 -4.57 31.08
C ALA B 84 -2.37 -4.79 30.66
N THR B 85 -3.22 -3.80 30.95
CA THR B 85 -4.62 -3.96 30.68
C THR B 85 -5.07 -3.67 29.24
N GLY B 86 -4.33 -2.82 28.53
CA GLY B 86 -4.71 -2.47 27.19
C GLY B 86 -5.85 -1.46 27.22
N HIS B 87 -6.59 -1.37 26.13
CA HIS B 87 -7.74 -0.46 26.02
C HIS B 87 -8.92 -1.30 25.60
N PRO B 88 -9.69 -1.84 26.58
CA PRO B 88 -10.87 -2.67 26.33
C PRO B 88 -11.75 -2.24 25.17
N GLY B 89 -11.86 -3.14 24.21
CA GLY B 89 -12.64 -2.85 23.04
C GLY B 89 -11.79 -2.64 21.81
N ILE B 90 -10.54 -2.23 21.98
CA ILE B 90 -9.67 -2.04 20.81
C ILE B 90 -8.27 -2.63 20.94
N ILE B 91 -7.64 -2.44 22.11
CA ILE B 91 -6.29 -2.93 22.34
C ILE B 91 -6.29 -3.97 23.47
N PRO B 92 -5.94 -5.24 23.14
CA PRO B 92 -5.90 -6.35 24.12
C PRO B 92 -4.78 -6.14 25.16
N PRO B 93 -4.82 -6.92 26.27
CA PRO B 93 -3.79 -6.83 27.32
C PRO B 93 -2.43 -7.21 26.76
N HIS B 94 -1.40 -6.50 27.22
CA HIS B 94 -0.01 -6.69 26.81
C HIS B 94 0.14 -6.80 25.28
N ALA B 95 -0.51 -5.89 24.55
CA ALA B 95 -0.47 -5.95 23.09
C ALA B 95 0.70 -5.23 22.45
N THR B 96 1.44 -5.94 21.60
CA THR B 96 2.53 -5.35 20.83
C THR B 96 1.80 -4.80 19.61
N LEU B 97 2.02 -3.53 19.29
CA LEU B 97 1.33 -2.87 18.16
C LEU B 97 2.23 -2.67 16.97
N VAL B 98 1.74 -2.97 15.78
CA VAL B 98 2.54 -2.78 14.56
C VAL B 98 1.85 -1.72 13.71
N PHE B 99 2.46 -0.54 13.62
CA PHE B 99 1.89 0.55 12.81
C PHE B 99 2.67 0.82 11.57
N ASP B 100 1.96 0.85 10.45
CA ASP B 100 2.56 1.20 9.17
C ASP B 100 2.31 2.72 9.12
N VAL B 101 3.38 3.51 9.27
CA VAL B 101 3.25 4.95 9.32
C VAL B 101 3.97 5.72 8.20
N GLU B 102 3.32 6.75 7.68
CA GLU B 102 3.93 7.62 6.67
C GLU B 102 3.82 9.06 7.15
N LEU B 103 4.97 9.74 7.29
CA LEU B 103 5.00 11.13 7.74
C LEU B 103 4.73 12.01 6.52
N LEU B 104 3.49 12.46 6.38
CA LEU B 104 3.10 13.27 5.24
C LEU B 104 3.72 14.66 5.17
N LYS B 105 3.66 15.38 6.28
CA LYS B 105 4.17 16.73 6.31
C LYS B 105 4.24 17.17 7.77
N LEU B 106 4.89 18.32 7.99
CA LEU B 106 5.00 18.93 9.30
C LEU B 106 4.31 20.28 9.17
N GLU B 107 3.40 20.59 10.08
CA GLU B 107 2.66 21.84 10.03
C GLU B 107 2.80 22.66 11.28
N GLY C 1 2.53 23.04 -11.67
CA GLY C 1 2.50 21.95 -12.69
C GLY C 1 2.33 20.59 -12.03
N VAL C 2 3.12 19.62 -12.44
CA VAL C 2 3.04 18.28 -11.88
C VAL C 2 4.39 17.72 -11.41
N GLN C 3 4.42 17.31 -10.15
CA GLN C 3 5.61 16.71 -9.58
C GLN C 3 5.40 15.20 -9.52
N VAL C 4 6.39 14.45 -10.01
CA VAL C 4 6.34 12.99 -10.01
C VAL C 4 7.46 12.45 -9.10
N GLU C 5 7.06 11.62 -8.14
CA GLU C 5 7.96 11.00 -7.19
C GLU C 5 7.68 9.51 -7.21
N THR C 6 8.71 8.71 -7.49
CA THR C 6 8.53 7.28 -7.55
C THR C 6 8.37 6.62 -6.19
N ILE C 7 7.46 5.64 -6.17
CA ILE C 7 7.13 4.85 -4.99
C ILE C 7 7.74 3.47 -5.27
N SER C 8 7.49 2.94 -6.46
CA SER C 8 7.99 1.63 -6.87
C SER C 8 8.38 1.70 -8.35
N PRO C 9 9.52 1.10 -8.71
CA PRO C 9 10.03 1.09 -10.09
C PRO C 9 9.29 0.23 -11.13
N GLY C 10 9.20 0.76 -12.34
CA GLY C 10 8.55 0.03 -13.42
C GLY C 10 9.61 -0.79 -14.10
N ASP C 11 9.38 -1.25 -15.33
CA ASP C 11 10.43 -2.03 -15.99
C ASP C 11 11.54 -1.09 -16.44
N GLY C 12 11.24 0.21 -16.34
CA GLY C 12 12.18 1.25 -16.69
C GLY C 12 12.44 1.38 -18.17
N ARG C 13 11.71 0.64 -18.98
CA ARG C 13 11.94 0.72 -20.40
C ARG C 13 10.68 0.88 -21.24
N THR C 14 9.53 0.43 -20.72
CA THR C 14 8.28 0.55 -21.46
C THR C 14 7.47 1.78 -21.01
N PHE C 15 7.63 2.90 -21.70
CA PHE C 15 6.89 4.14 -21.36
C PHE C 15 5.74 4.35 -22.35
N PRO C 16 4.60 4.88 -21.87
CA PRO C 16 3.44 5.11 -22.73
C PRO C 16 3.65 6.05 -23.94
N LYS C 17 3.21 5.58 -25.11
CA LYS C 17 3.32 6.36 -26.34
C LYS C 17 1.95 6.96 -26.70
N ARG C 18 1.97 8.02 -27.51
CA ARG C 18 0.75 8.69 -27.95
C ARG C 18 -0.09 7.62 -28.65
N GLY C 19 -1.34 7.50 -28.24
CA GLY C 19 -2.22 6.50 -28.83
C GLY C 19 -2.38 5.24 -27.99
N GLN C 20 -1.43 4.94 -27.11
CA GLN C 20 -1.54 3.76 -26.24
C GLN C 20 -2.53 4.08 -25.11
N THR C 21 -3.24 3.06 -24.67
CA THR C 21 -4.19 3.19 -23.58
C THR C 21 -3.48 2.77 -22.31
N CYS C 22 -3.46 3.66 -21.33
CA CYS C 22 -2.83 3.36 -20.03
C CYS C 22 -3.92 2.84 -19.11
N VAL C 23 -3.63 1.73 -18.43
CA VAL C 23 -4.56 1.12 -17.48
C VAL C 23 -3.88 1.29 -16.11
N VAL C 24 -4.54 2.03 -15.22
CA VAL C 24 -3.97 2.32 -13.91
C VAL C 24 -4.90 2.07 -12.73
N HIS C 25 -4.31 2.13 -11.53
CA HIS C 25 -5.06 2.07 -10.28
C HIS C 25 -4.54 3.30 -9.52
N TYR C 26 -5.43 4.05 -8.91
CA TYR C 26 -5.02 5.25 -8.19
C TYR C 26 -5.91 5.59 -7.02
N THR C 27 -5.36 6.48 -6.20
CA THR C 27 -6.06 7.03 -5.06
C THR C 27 -5.70 8.50 -5.15
N GLY C 28 -6.73 9.33 -5.25
CA GLY C 28 -6.51 10.76 -5.31
C GLY C 28 -6.86 11.41 -3.99
N MET C 29 -6.00 12.30 -3.52
CA MET C 29 -6.22 13.01 -2.24
C MET C 29 -5.91 14.50 -2.36
N LEU C 30 -6.47 15.29 -1.44
CA LEU C 30 -6.16 16.70 -1.45
C LEU C 30 -4.83 16.84 -0.74
N GLU C 31 -4.32 18.07 -0.72
CA GLU C 31 -3.07 18.42 -0.05
C GLU C 31 -2.99 17.89 1.39
N ASP C 32 -4.09 17.99 2.15
CA ASP C 32 -4.15 17.49 3.54
C ASP C 32 -3.97 15.96 3.66
N GLY C 33 -4.45 15.23 2.66
CA GLY C 33 -4.33 13.79 2.69
C GLY C 33 -5.70 13.13 2.70
N LYS C 34 -6.74 13.94 2.55
CA LYS C 34 -8.11 13.45 2.51
C LYS C 34 -8.38 12.94 1.09
N LYS C 35 -8.77 11.69 0.99
CA LYS C 35 -9.04 11.07 -0.30
C LYS C 35 -10.37 11.53 -0.91
N PHE C 36 -10.37 11.81 -2.21
CA PHE C 36 -11.60 12.22 -2.89
C PHE C 36 -12.08 11.13 -3.85
N ASP C 37 -11.20 10.19 -4.16
CA ASP C 37 -11.54 9.07 -5.04
C ASP C 37 -10.44 8.02 -5.09
N SER C 38 -10.84 6.78 -5.35
CA SER C 38 -9.92 5.66 -5.46
C SER C 38 -10.50 4.64 -6.43
N SER C 39 -9.73 4.29 -7.46
CA SER C 39 -10.15 3.29 -8.43
C SER C 39 -10.11 1.93 -7.73
N ARG C 40 -9.31 1.84 -6.66
CA ARG C 40 -9.17 0.62 -5.90
C ARG C 40 -10.43 0.32 -5.07
N ASP C 41 -11.00 1.35 -4.44
CA ASP C 41 -12.23 1.19 -3.67
C ASP C 41 -13.42 0.89 -4.58
N ARG C 42 -13.45 1.53 -5.75
CA ARG C 42 -14.52 1.31 -6.70
C ARG C 42 -14.26 0.00 -7.48
N ASN C 43 -13.07 -0.57 -7.27
CA ASN C 43 -12.63 -1.80 -7.92
C ASN C 43 -12.79 -1.72 -9.43
N LYS C 44 -12.28 -0.64 -10.00
CA LYS C 44 -12.32 -0.45 -11.45
C LYS C 44 -11.09 0.32 -11.88
N PRO C 45 -10.14 -0.36 -12.55
CA PRO C 45 -8.94 0.35 -13.00
C PRO C 45 -9.33 1.43 -13.99
N PHE C 46 -8.62 2.55 -13.95
CA PHE C 46 -8.91 3.68 -14.83
C PHE C 46 -8.08 3.58 -16.08
N LYS C 47 -8.77 3.65 -17.21
CA LYS C 47 -8.14 3.56 -18.53
C LYS C 47 -8.25 4.84 -19.31
N PHE C 48 -7.14 5.25 -19.90
CA PHE C 48 -7.13 6.46 -20.72
C PHE C 48 -6.03 6.39 -21.77
N MET C 49 -6.28 7.03 -22.92
CA MET C 49 -5.35 7.05 -24.05
C MET C 49 -4.64 8.39 -24.16
N LEU C 50 -3.30 8.33 -24.23
CA LEU C 50 -2.49 9.52 -24.36
C LEU C 50 -2.75 10.21 -25.69
N GLY C 51 -2.71 11.53 -25.64
CA GLY C 51 -2.91 12.32 -26.83
C GLY C 51 -4.38 12.47 -27.20
N LYS C 52 -5.28 12.01 -26.34
CA LYS C 52 -6.70 12.13 -26.66
C LYS C 52 -7.46 13.13 -25.82
N GLN C 53 -6.73 13.98 -25.09
CA GLN C 53 -7.31 15.03 -24.25
C GLN C 53 -8.43 14.47 -23.34
N GLU C 54 -8.14 13.34 -22.73
CA GLU C 54 -9.10 12.64 -21.87
C GLU C 54 -8.93 12.90 -20.39
N VAL C 55 -7.80 13.51 -20.02
CA VAL C 55 -7.50 13.74 -18.63
C VAL C 55 -6.90 15.10 -18.35
N ILE C 56 -6.88 15.48 -17.08
CA ILE C 56 -6.29 16.75 -16.68
C ILE C 56 -4.79 16.77 -17.07
N ARG C 57 -4.28 17.97 -17.35
CA ARG C 57 -2.90 18.15 -17.76
C ARG C 57 -1.85 17.44 -16.88
N GLY C 58 -2.04 17.49 -15.56
CA GLY C 58 -1.11 16.86 -14.61
C GLY C 58 -0.91 15.37 -14.83
N TRP C 59 -2.00 14.71 -15.19
CA TRP C 59 -1.98 13.26 -15.50
C TRP C 59 -1.30 13.00 -16.81
N GLU C 60 -1.78 13.68 -17.84
CA GLU C 60 -1.27 13.56 -19.19
C GLU C 60 0.26 13.62 -19.21
N GLU C 61 0.81 14.61 -18.51
CA GLU C 61 2.25 14.78 -18.45
C GLU C 61 2.89 13.85 -17.40
N GLY C 62 2.24 13.74 -16.23
CA GLY C 62 2.75 12.89 -15.15
C GLY C 62 2.85 11.41 -15.49
N VAL C 63 1.74 10.82 -15.92
CA VAL C 63 1.69 9.41 -16.25
C VAL C 63 2.58 9.06 -17.41
N ALA C 64 2.87 10.04 -18.26
CA ALA C 64 3.73 9.79 -19.41
C ALA C 64 5.18 9.45 -18.99
N GLN C 65 5.58 9.90 -17.80
CA GLN C 65 6.92 9.67 -17.26
C GLN C 65 7.11 8.33 -16.57
N MET C 66 6.03 7.58 -16.44
CA MET C 66 6.09 6.30 -15.76
C MET C 66 6.24 5.11 -16.69
N SER C 67 6.99 4.11 -16.25
CA SER C 67 7.14 2.89 -17.05
C SER C 67 6.21 1.83 -16.47
N VAL C 68 5.75 0.92 -17.32
CA VAL C 68 4.83 -0.16 -16.96
C VAL C 68 5.28 -0.82 -15.66
N GLY C 69 4.35 -0.94 -14.69
CA GLY C 69 4.65 -1.55 -13.41
C GLY C 69 5.10 -0.57 -12.34
N GLN C 70 5.32 0.68 -12.75
CA GLN C 70 5.77 1.71 -11.82
C GLN C 70 4.64 2.27 -10.99
N ARG C 71 4.99 2.68 -9.77
CA ARG C 71 4.05 3.30 -8.86
C ARG C 71 4.70 4.60 -8.46
N ALA C 72 3.93 5.68 -8.57
CA ALA C 72 4.42 7.03 -8.29
C ALA C 72 3.37 7.94 -7.69
N LYS C 73 3.88 8.99 -7.02
CA LYS C 73 3.06 10.02 -6.40
C LYS C 73 3.10 11.28 -7.29
N LEU C 74 1.93 11.66 -7.80
CA LEU C 74 1.79 12.82 -8.67
C LEU C 74 1.19 13.99 -7.89
N THR C 75 1.95 15.08 -7.78
CA THR C 75 1.45 16.26 -7.07
C THR C 75 1.16 17.32 -8.15
N ILE C 76 -0.13 17.64 -8.25
CA ILE C 76 -0.67 18.54 -9.27
C ILE C 76 -1.29 19.86 -8.79
N SER C 77 -0.70 20.99 -9.20
CA SER C 77 -1.20 22.33 -8.83
C SER C 77 -2.59 22.51 -9.45
N PRO C 78 -3.44 23.37 -8.87
CA PRO C 78 -4.78 23.54 -9.42
C PRO C 78 -4.81 23.91 -10.91
N ASP C 79 -3.87 24.72 -11.36
CA ASP C 79 -3.80 25.14 -12.77
C ASP C 79 -3.58 24.00 -13.77
N TYR C 80 -3.10 22.86 -13.28
CA TYR C 80 -2.86 21.65 -14.08
C TYR C 80 -3.93 20.61 -13.76
N ALA C 81 -4.94 21.02 -13.00
CA ALA C 81 -6.01 20.13 -12.61
C ALA C 81 -7.37 20.78 -12.85
N TYR C 82 -8.03 21.25 -11.78
CA TYR C 82 -9.36 21.84 -11.92
C TYR C 82 -9.51 23.32 -11.59
N GLY C 83 -8.38 23.99 -11.35
CA GLY C 83 -8.36 25.42 -11.08
C GLY C 83 -9.30 25.98 -10.04
N ALA C 84 -9.73 27.22 -10.26
CA ALA C 84 -10.64 27.94 -9.37
C ALA C 84 -12.01 27.27 -9.27
N THR C 85 -12.47 26.70 -10.36
CA THR C 85 -13.76 26.04 -10.35
C THR C 85 -13.82 24.69 -9.61
N GLY C 86 -12.77 23.88 -9.73
CA GLY C 86 -12.76 22.57 -9.11
C GLY C 86 -13.79 21.76 -9.88
N HIS C 87 -14.34 20.72 -9.25
CA HIS C 87 -15.38 19.91 -9.86
C HIS C 87 -16.35 19.66 -8.75
N PRO C 88 -17.33 20.57 -8.57
CA PRO C 88 -18.37 20.53 -7.54
C PRO C 88 -18.92 19.12 -7.32
N GLY C 89 -18.71 18.61 -6.11
CA GLY C 89 -19.15 17.27 -5.79
C GLY C 89 -17.99 16.30 -5.56
N ILE C 90 -16.79 16.68 -5.98
CA ILE C 90 -15.62 15.83 -5.78
C ILE C 90 -14.33 16.61 -5.50
N ILE C 91 -14.10 17.67 -6.24
CA ILE C 91 -12.89 18.48 -6.07
C ILE C 91 -13.31 19.90 -5.75
N PRO C 92 -12.82 20.47 -4.63
CA PRO C 92 -13.13 21.84 -4.21
C PRO C 92 -12.29 22.85 -5.05
N PRO C 93 -12.67 24.15 -4.98
CA PRO C 93 -11.95 25.19 -5.73
C PRO C 93 -10.48 25.27 -5.31
N HIS C 94 -9.61 25.67 -6.24
CA HIS C 94 -8.18 25.85 -5.98
C HIS C 94 -7.44 24.69 -5.34
N ALA C 95 -7.69 23.47 -5.80
CA ALA C 95 -7.06 22.33 -5.15
C ALA C 95 -5.83 21.71 -5.76
N THR C 96 -4.81 21.55 -4.92
CA THR C 96 -3.59 20.86 -5.32
C THR C 96 -3.98 19.39 -5.08
N LEU C 97 -3.83 18.55 -6.09
CA LEU C 97 -4.21 17.14 -5.99
C LEU C 97 -3.01 16.24 -5.90
N VAL C 98 -3.14 15.16 -5.14
CA VAL C 98 -2.05 14.19 -4.97
C VAL C 98 -2.60 12.83 -5.38
N PHE C 99 -1.99 12.22 -6.40
CA PHE C 99 -2.44 10.91 -6.89
C PHE C 99 -1.36 9.82 -6.72
N ASP C 100 -1.74 8.75 -6.04
CA ASP C 100 -0.85 7.61 -5.88
C ASP C 100 -1.28 6.76 -7.10
N VAL C 101 -0.43 6.70 -8.11
CA VAL C 101 -0.75 5.99 -9.35
C VAL C 101 0.20 4.81 -9.66
N GLU C 102 -0.40 3.68 -10.07
CA GLU C 102 0.33 2.50 -10.48
C GLU C 102 -0.01 2.21 -11.95
N LEU C 103 1.01 2.13 -12.79
CA LEU C 103 0.83 1.83 -14.22
C LEU C 103 0.83 0.32 -14.40
N LEU C 104 -0.38 -0.24 -14.43
CA LEU C 104 -0.56 -1.68 -14.55
C LEU C 104 -0.11 -2.23 -15.88
N LYS C 105 -0.65 -1.66 -16.95
CA LYS C 105 -0.34 -2.12 -18.28
C LYS C 105 -0.68 -1.10 -19.35
N LEU C 106 -0.20 -1.37 -20.56
CA LEU C 106 -0.50 -0.53 -21.72
C LEU C 106 -1.23 -1.41 -22.74
N GLU C 107 -2.23 -0.85 -23.40
CA GLU C 107 -2.98 -1.57 -24.43
C GLU C 107 -3.48 -0.56 -25.47
#